data_1BAY
#
_entry.id   1BAY
#
_cell.length_a   132.500
_cell.length_b   132.500
_cell.length_c   63.200
_cell.angle_alpha   90.00
_cell.angle_beta   90.00
_cell.angle_gamma   90.00
#
_symmetry.space_group_name_H-M   'I 4'
#
loop_
_entity.id
_entity.type
_entity.pdbx_description
1 polymer 'GLUTATHIONE S-TRANSFERASE CLASS PI'
2 water water
#
_entity_poly.entity_id   1
_entity_poly.type   'polypeptide(L)'
_entity_poly.pdbx_seq_one_letter_code
;PPYTIVYFPVRGRCEAMRMLLADQGQSWKEEVVTIDTWMQGLLKPTCLYGQLPKFEDGDLTLYQSNAILRHLGRSLGLYG
KNQREAAQMDMVNDGVEDLRGKYVTLIYTNYENGKNDYVKALPGHLKPFETLLSQNQGGKAFIVGDQISFADYNLLDLLL
IHQVLAPGCLDNFPLLSAYVARLSARPKIKAFLSSPEHVNRPINGNGKQ
;
_entity_poly.pdbx_strand_id   A,B
#
# COMPACT_ATOMS: atom_id res chain seq x y z
N PRO A 1 19.77 10.96 -8.69
CA PRO A 1 19.27 12.25 -9.17
C PRO A 1 19.66 12.42 -10.63
N PRO A 2 19.12 13.42 -11.32
CA PRO A 2 18.16 14.47 -10.90
C PRO A 2 16.79 13.94 -10.51
N TYR A 3 16.01 14.74 -9.79
CA TYR A 3 14.68 14.35 -9.38
C TYR A 3 13.64 15.23 -10.05
N THR A 4 12.55 14.63 -10.53
CA THR A 4 11.47 15.35 -11.18
C THR A 4 10.19 14.73 -10.71
N ILE A 5 9.19 15.57 -10.47
CA ILE A 5 7.88 15.11 -10.05
C ILE A 5 6.87 15.61 -11.08
N VAL A 6 6.17 14.70 -11.73
CA VAL A 6 5.16 15.06 -12.71
C VAL A 6 3.82 14.84 -11.99
N TYR A 7 2.98 15.88 -11.90
CA TYR A 7 1.72 15.74 -11.18
C TYR A 7 0.80 16.93 -11.47
N PHE A 8 -0.47 16.77 -11.10
CA PHE A 8 -1.48 17.82 -11.25
C PHE A 8 -1.12 18.93 -10.27
N PRO A 9 -1.61 20.14 -10.50
CA PRO A 9 -1.31 21.27 -9.61
C PRO A 9 -2.13 21.26 -8.31
N VAL A 10 -1.87 20.27 -7.47
CA VAL A 10 -2.55 20.12 -6.19
C VAL A 10 -1.54 19.56 -5.21
N ARG A 11 -1.86 19.66 -3.93
CA ARG A 11 -0.98 19.14 -2.90
C ARG A 11 -1.14 17.62 -2.96
N GLY A 12 -2.40 17.18 -2.86
CA GLY A 12 -2.75 15.77 -2.94
C GLY A 12 -1.76 14.74 -2.44
N ARG A 13 -1.46 13.78 -3.29
CA ARG A 13 -0.54 12.70 -2.96
C ARG A 13 0.94 13.01 -3.10
N CYS A 14 1.31 14.25 -3.40
CA CYS A 14 2.72 14.59 -3.54
C CYS A 14 3.34 15.43 -2.45
N GLU A 15 2.55 16.07 -1.59
CA GLU A 15 3.12 16.90 -0.53
C GLU A 15 4.01 16.16 0.44
N ALA A 16 3.71 14.89 0.69
CA ALA A 16 4.53 14.10 1.61
C ALA A 16 5.94 13.93 1.05
N MET A 17 6.05 13.56 -0.22
CA MET A 17 7.36 13.39 -0.85
C MET A 17 8.08 14.72 -1.03
N ARG A 18 7.33 15.81 -1.23
CA ARG A 18 7.93 17.14 -1.39
C ARG A 18 8.56 17.59 -0.06
N MET A 19 7.86 17.37 1.05
CA MET A 19 8.39 17.73 2.37
C MET A 19 9.62 16.87 2.69
N LEU A 20 9.57 15.60 2.28
CA LEU A 20 10.65 14.66 2.49
C LEU A 20 11.93 15.13 1.77
N LEU A 21 11.80 15.48 0.50
CA LEU A 21 12.94 15.95 -0.27
C LEU A 21 13.49 17.26 0.30
N ALA A 22 12.59 18.18 0.61
CA ALA A 22 12.98 19.46 1.20
C ALA A 22 13.74 19.22 2.48
N ASP A 23 13.16 18.43 3.38
CA ASP A 23 13.78 18.14 4.67
C ASP A 23 15.11 17.43 4.57
N GLN A 24 15.32 16.72 3.47
CA GLN A 24 16.58 16.02 3.25
C GLN A 24 17.53 16.89 2.42
N GLY A 25 17.15 18.14 2.21
CA GLY A 25 17.96 19.09 1.46
C GLY A 25 18.26 18.71 0.02
N GLN A 26 17.29 18.07 -0.63
CA GLN A 26 17.42 17.66 -2.01
C GLN A 26 16.67 18.63 -2.90
N SER A 27 17.10 18.74 -4.16
CA SER A 27 16.45 19.62 -5.12
C SER A 27 15.66 18.78 -6.11
N TRP A 28 14.67 19.38 -6.75
CA TRP A 28 13.87 18.64 -7.71
C TRP A 28 13.14 19.61 -8.63
N LYS A 29 12.62 19.08 -9.72
CA LYS A 29 11.87 19.86 -10.70
C LYS A 29 10.43 19.37 -10.76
N GLU A 30 9.49 20.30 -10.80
CA GLU A 30 8.07 20.00 -10.87
C GLU A 30 7.62 20.13 -12.32
N GLU A 31 6.82 19.17 -12.77
CA GLU A 31 6.30 19.19 -14.12
C GLU A 31 4.79 19.10 -13.95
N VAL A 32 4.14 20.25 -14.08
CA VAL A 32 2.69 20.35 -13.90
C VAL A 32 1.86 19.92 -15.09
N VAL A 33 0.84 19.11 -14.81
CA VAL A 33 -0.07 18.57 -15.80
C VAL A 33 -1.49 18.85 -15.31
N THR A 34 -2.43 18.91 -16.24
CA THR A 34 -3.84 19.14 -15.88
C THR A 34 -4.71 18.09 -16.56
N GLN A 51 -0.50 6.06 -13.95
CA GLN A 51 -1.26 7.25 -13.45
C GLN A 51 -0.34 8.11 -12.58
N LEU A 52 -0.55 9.42 -12.62
CA LEU A 52 0.25 10.35 -11.84
C LEU A 52 0.06 10.10 -10.34
N PRO A 53 1.05 10.47 -9.51
CA PRO A 53 2.31 11.09 -9.95
C PRO A 53 3.34 10.16 -10.55
N LYS A 54 4.13 10.72 -11.48
CA LYS A 54 5.22 10.00 -12.12
C LYS A 54 6.43 10.66 -11.47
N PHE A 55 7.45 9.88 -11.17
CA PHE A 55 8.62 10.43 -10.51
C PHE A 55 9.86 9.88 -11.20
N GLU A 56 10.86 10.74 -11.38
CA GLU A 56 12.09 10.33 -12.02
C GLU A 56 13.26 10.59 -11.10
N ASP A 57 14.14 9.61 -11.00
CA ASP A 57 15.34 9.70 -10.20
C ASP A 57 16.41 9.18 -11.14
N GLY A 58 17.02 10.08 -11.91
CA GLY A 58 18.04 9.66 -12.86
C GLY A 58 17.41 8.76 -13.90
N ASP A 59 17.97 7.56 -14.08
CA ASP A 59 17.46 6.59 -15.06
C ASP A 59 16.19 5.85 -14.60
N LEU A 60 15.83 6.01 -13.33
CA LEU A 60 14.67 5.32 -12.79
C LEU A 60 13.37 6.13 -12.81
N THR A 61 12.34 5.57 -13.43
CA THR A 61 11.02 6.18 -13.50
C THR A 61 10.09 5.36 -12.62
N LEU A 62 9.34 6.01 -11.73
CA LEU A 62 8.41 5.31 -10.86
C LEU A 62 7.01 5.91 -10.91
N TYR A 63 6.03 5.09 -10.53
CA TYR A 63 4.63 5.49 -10.45
C TYR A 63 4.17 4.93 -9.12
N GLN A 64 3.05 5.42 -8.60
CA GLN A 64 2.47 5.03 -7.31
C GLN A 64 3.17 5.81 -6.19
N SER A 65 2.45 6.75 -5.61
CA SER A 65 3.00 7.59 -4.53
C SER A 65 3.73 6.84 -3.42
N ASN A 66 3.20 5.69 -3.01
CA ASN A 66 3.83 4.91 -1.95
C ASN A 66 5.09 4.14 -2.38
N ALA A 67 5.14 3.76 -3.64
CA ALA A 67 6.31 3.07 -4.19
C ALA A 67 7.45 4.10 -4.20
N ILE A 68 7.09 5.33 -4.53
CA ILE A 68 8.03 6.44 -4.57
C ILE A 68 8.55 6.77 -3.17
N LEU A 69 7.64 6.91 -2.19
CA LEU A 69 8.06 7.18 -0.82
C LEU A 69 9.02 6.12 -0.31
N ARG A 70 8.72 4.84 -0.56
CA ARG A 70 9.58 3.73 -0.12
C ARG A 70 10.95 3.77 -0.80
N HIS A 71 10.98 4.15 -2.08
CA HIS A 71 12.25 4.26 -2.80
C HIS A 71 13.10 5.39 -2.19
N LEU A 72 12.46 6.49 -1.83
CA LEU A 72 13.16 7.61 -1.22
C LEU A 72 13.65 7.17 0.17
N GLY A 73 12.86 6.33 0.82
CA GLY A 73 13.22 5.81 2.12
C GLY A 73 14.44 4.91 2.02
N ARG A 74 14.46 4.03 1.02
CA ARG A 74 15.61 3.12 0.83
C ARG A 74 16.90 3.82 0.42
N SER A 75 16.83 4.67 -0.60
CA SER A 75 18.01 5.38 -1.09
C SER A 75 18.53 6.49 -0.20
N LEU A 76 17.64 7.14 0.53
CA LEU A 76 18.03 8.24 1.41
C LEU A 76 18.25 7.83 2.87
N GLY A 77 18.03 6.56 3.18
CA GLY A 77 18.23 6.04 4.52
C GLY A 77 17.18 6.44 5.54
N LEU A 78 15.92 6.37 5.14
CA LEU A 78 14.81 6.75 6.00
C LEU A 78 13.84 5.57 6.11
N TYR A 79 14.39 4.37 6.26
CA TYR A 79 13.57 3.15 6.35
C TYR A 79 13.92 2.32 7.58
N GLY A 80 14.44 2.96 8.63
CA GLY A 80 14.76 2.23 9.85
C GLY A 80 16.15 1.62 9.90
N LYS A 81 16.43 0.92 11.00
CA LYS A 81 17.74 0.31 11.20
C LYS A 81 17.72 -1.21 11.13
N ASN A 82 16.53 -1.80 11.19
CA ASN A 82 16.41 -3.25 11.16
C ASN A 82 15.08 -3.75 10.60
N GLN A 83 14.94 -5.08 10.58
CA GLN A 83 13.76 -5.76 10.07
C GLN A 83 12.51 -5.34 10.79
N ARG A 84 12.59 -5.25 12.11
CA ARG A 84 11.43 -4.88 12.94
C ARG A 84 10.95 -3.46 12.63
N GLU A 85 11.87 -2.51 12.55
CA GLU A 85 11.52 -1.12 12.25
C GLU A 85 10.95 -0.99 10.86
N ALA A 86 11.54 -1.67 9.90
CA ALA A 86 11.06 -1.63 8.53
C ALA A 86 9.61 -2.16 8.45
N ALA A 87 9.31 -3.21 9.20
CA ALA A 87 7.97 -3.79 9.19
C ALA A 87 6.97 -2.89 9.89
N GLN A 88 7.39 -2.22 10.96
CA GLN A 88 6.49 -1.34 11.70
C GLN A 88 6.22 -0.09 10.87
N MET A 89 7.22 0.33 10.09
CA MET A 89 7.07 1.49 9.24
C MET A 89 6.07 1.18 8.13
N ASP A 90 6.19 -0.02 7.55
CA ASP A 90 5.25 -0.44 6.49
C ASP A 90 3.83 -0.46 7.06
N MET A 91 3.70 -1.04 8.24
CA MET A 91 2.42 -1.14 8.93
C MET A 91 1.78 0.24 9.11
N VAL A 92 2.56 1.22 9.57
CA VAL A 92 2.09 2.60 9.78
C VAL A 92 1.69 3.29 8.47
N ASN A 93 2.50 3.15 7.44
CA ASN A 93 2.20 3.78 6.17
C ASN A 93 0.92 3.21 5.58
N ASP A 94 0.79 1.89 5.64
CA ASP A 94 -0.42 1.21 5.13
C ASP A 94 -1.63 1.79 5.87
N GLY A 95 -1.46 2.04 7.17
CA GLY A 95 -2.54 2.59 7.96
C GLY A 95 -2.89 3.98 7.46
N VAL A 96 -1.86 4.77 7.21
CA VAL A 96 -2.01 6.13 6.72
C VAL A 96 -2.73 6.13 5.37
N GLU A 97 -2.32 5.23 4.48
CA GLU A 97 -2.91 5.12 3.16
C GLU A 97 -4.40 4.73 3.21
N ASP A 98 -4.79 3.90 4.18
CA ASP A 98 -6.19 3.49 4.30
C ASP A 98 -7.07 4.70 4.60
N LEU A 99 -6.64 5.52 5.56
CA LEU A 99 -7.38 6.72 5.92
C LEU A 99 -7.37 7.73 4.76
N ARG A 100 -6.24 7.86 4.06
CA ARG A 100 -6.14 8.78 2.94
C ARG A 100 -7.12 8.40 1.84
N GLY A 101 -7.22 7.10 1.57
CA GLY A 101 -8.15 6.62 0.55
C GLY A 101 -9.58 6.96 0.91
N LYS A 102 -9.93 6.82 2.18
CA LYS A 102 -11.28 7.14 2.62
C LYS A 102 -11.48 8.62 2.39
N TYR A 103 -10.51 9.40 2.84
CA TYR A 103 -10.52 10.85 2.72
C TYR A 103 -10.78 11.29 1.27
N VAL A 104 -10.03 10.73 0.33
CA VAL A 104 -10.18 11.07 -1.08
C VAL A 104 -11.61 10.80 -1.54
N THR A 105 -12.13 9.64 -1.15
CA THR A 105 -13.50 9.24 -1.51
C THR A 105 -14.51 10.27 -1.01
N LEU A 106 -14.29 10.79 0.19
CA LEU A 106 -15.20 11.79 0.76
C LEU A 106 -15.14 13.04 -0.11
N ILE A 107 -13.97 13.65 -0.16
CA ILE A 107 -13.71 14.87 -0.91
C ILE A 107 -14.25 14.86 -2.33
N TYR A 108 -13.99 13.79 -3.07
CA TYR A 108 -14.43 13.70 -4.46
C TYR A 108 -15.77 13.02 -4.74
N THR A 109 -16.30 12.27 -3.79
CA THR A 109 -17.53 11.53 -4.02
C THR A 109 -18.76 11.85 -3.16
N ASN A 110 -18.58 12.06 -1.87
CA ASN A 110 -19.74 12.31 -1.01
C ASN A 110 -19.41 13.35 0.07
N TYR A 111 -18.89 14.49 -0.36
CA TYR A 111 -18.51 15.53 0.58
C TYR A 111 -19.61 16.18 1.41
N GLU A 112 -20.64 16.68 0.73
CA GLU A 112 -21.76 17.36 1.38
C GLU A 112 -22.47 16.50 2.43
N ASN A 113 -22.99 15.36 1.99
CA ASN A 113 -23.71 14.44 2.87
C ASN A 113 -22.81 13.62 3.79
N GLY A 114 -21.75 13.05 3.23
CA GLY A 114 -20.84 12.22 4.00
C GLY A 114 -19.87 12.87 4.96
N LYS A 115 -19.65 14.18 4.85
CA LYS A 115 -18.70 14.84 5.74
C LYS A 115 -18.94 14.57 7.22
N ASN A 116 -20.19 14.75 7.67
CA ASN A 116 -20.53 14.53 9.07
C ASN A 116 -20.10 13.17 9.59
N ASP A 117 -20.57 12.11 8.94
CA ASP A 117 -20.24 10.75 9.32
C ASP A 117 -18.74 10.55 9.41
N TYR A 118 -18.02 11.09 8.43
CA TYR A 118 -16.56 10.96 8.39
C TYR A 118 -15.91 11.56 9.63
N VAL A 119 -16.24 12.82 9.90
CA VAL A 119 -15.67 13.53 11.04
C VAL A 119 -15.89 12.79 12.36
N LYS A 120 -17.07 12.21 12.52
CA LYS A 120 -17.43 11.46 13.73
C LYS A 120 -16.59 10.20 13.91
N ALA A 121 -16.46 9.44 12.82
CA ALA A 121 -15.68 8.21 12.84
C ALA A 121 -14.20 8.51 12.93
N LEU A 122 -13.82 9.71 12.50
CA LEU A 122 -12.43 10.12 12.46
C LEU A 122 -11.59 9.83 13.71
N PRO A 123 -12.02 10.30 14.90
CA PRO A 123 -11.22 10.04 16.10
C PRO A 123 -10.90 8.56 16.35
N GLY A 124 -11.73 7.67 15.80
CA GLY A 124 -11.48 6.25 15.96
C GLY A 124 -10.28 5.77 15.16
N HIS A 125 -9.98 6.49 14.08
CA HIS A 125 -8.87 6.15 13.21
C HIS A 125 -7.56 6.75 13.68
N LEU A 126 -7.63 7.80 14.48
CA LEU A 126 -6.42 8.44 14.96
C LEU A 126 -5.84 7.80 16.20
N LYS A 127 -6.71 7.29 17.07
CA LYS A 127 -6.28 6.66 18.33
C LYS A 127 -5.10 5.70 18.16
N PRO A 128 -5.16 4.81 17.16
CA PRO A 128 -4.04 3.88 16.97
C PRO A 128 -2.66 4.55 16.76
N PHE A 129 -2.63 5.73 16.16
CA PHE A 129 -1.38 6.45 15.94
C PHE A 129 -0.90 7.06 17.25
N GLU A 130 -1.86 7.54 18.04
CA GLU A 130 -1.56 8.14 19.34
C GLU A 130 -0.96 7.05 20.22
N THR A 131 -1.58 5.87 20.19
CA THR A 131 -1.13 4.72 20.96
C THR A 131 0.31 4.38 20.56
N LEU A 132 0.57 4.28 19.27
CA LEU A 132 1.91 3.99 18.78
C LEU A 132 2.93 4.98 19.32
N LEU A 133 2.58 6.27 19.29
CA LEU A 133 3.48 7.30 19.80
C LEU A 133 3.75 7.11 21.30
N SER A 134 2.71 6.82 22.07
CA SER A 134 2.88 6.62 23.52
C SER A 134 3.89 5.52 23.81
N GLN A 135 3.85 4.46 23.00
CA GLN A 135 4.76 3.34 23.17
C GLN A 135 6.20 3.69 22.82
N ASN A 136 6.39 4.60 21.88
CA ASN A 136 7.74 5.00 21.48
C ASN A 136 8.28 6.22 22.19
N GLN A 137 9.01 5.97 23.28
CA GLN A 137 9.64 7.02 24.07
C GLN A 137 8.66 8.09 24.54
N GLY A 138 7.47 7.65 24.94
CA GLY A 138 6.47 8.59 25.40
C GLY A 138 6.09 9.59 24.31
N GLY A 139 6.12 9.12 23.06
CA GLY A 139 5.76 9.97 21.93
C GLY A 139 6.60 11.21 21.75
N LYS A 140 7.82 11.20 22.28
CA LYS A 140 8.72 12.35 22.16
C LYS A 140 9.72 12.25 21.02
N ALA A 141 9.62 11.19 20.22
CA ALA A 141 10.55 11.03 19.10
C ALA A 141 9.81 10.96 17.77
N PHE A 142 9.92 9.84 17.08
CA PHE A 142 9.23 9.70 15.81
C PHE A 142 8.19 8.61 15.92
N ILE A 143 7.48 8.35 14.83
CA ILE A 143 6.42 7.34 14.83
C ILE A 143 6.99 5.94 15.08
N VAL A 144 8.18 5.69 14.55
CA VAL A 144 8.87 4.42 14.74
C VAL A 144 10.37 4.69 14.90
N GLY A 145 10.92 4.31 16.04
CA GLY A 145 12.33 4.51 16.27
C GLY A 145 12.74 5.90 16.71
N ASP A 146 14.04 6.11 16.73
CA ASP A 146 14.62 7.38 17.15
C ASP A 146 15.02 8.29 15.99
N GLN A 147 14.64 7.92 14.77
CA GLN A 147 14.96 8.72 13.59
C GLN A 147 13.78 8.84 12.62
N ILE A 148 13.71 9.98 11.94
CA ILE A 148 12.61 10.23 11.00
C ILE A 148 12.69 9.25 9.84
N SER A 149 11.53 8.80 9.38
CA SER A 149 11.45 7.86 8.27
C SER A 149 10.45 8.39 7.25
N PHE A 150 10.37 7.73 6.10
CA PHE A 150 9.43 8.12 5.05
C PHE A 150 7.98 8.11 5.59
N ALA A 151 7.75 7.33 6.64
CA ALA A 151 6.43 7.19 7.26
C ALA A 151 5.99 8.46 7.99
N ASP A 152 6.94 9.13 8.65
CA ASP A 152 6.63 10.36 9.38
C ASP A 152 6.12 11.44 8.43
N TYR A 153 6.79 11.60 7.29
CA TYR A 153 6.39 12.59 6.30
C TYR A 153 4.99 12.37 5.77
N ASN A 154 4.60 11.11 5.61
CA ASN A 154 3.25 10.77 5.12
C ASN A 154 2.18 11.00 6.20
N LEU A 155 2.45 10.53 7.42
CA LEU A 155 1.52 10.70 8.55
C LEU A 155 1.27 12.18 8.81
N LEU A 156 2.35 12.95 8.88
CA LEU A 156 2.28 14.40 9.13
C LEU A 156 1.37 15.08 8.10
N ASP A 157 1.56 14.77 6.82
CA ASP A 157 0.73 15.36 5.76
C ASP A 157 -0.73 15.01 6.01
N LEU A 158 -0.99 13.75 6.33
CA LEU A 158 -2.34 13.28 6.59
C LEU A 158 -2.98 14.05 7.75
N LEU A 159 -2.19 14.31 8.80
CA LEU A 159 -2.69 15.03 9.98
C LEU A 159 -2.97 16.50 9.67
N LEU A 160 -2.09 17.13 8.91
CA LEU A 160 -2.25 18.53 8.51
C LEU A 160 -3.55 18.76 7.73
N ILE A 161 -3.84 17.93 6.73
CA ILE A 161 -5.07 18.11 5.95
C ILE A 161 -6.33 17.79 6.77
N HIS A 162 -6.21 16.91 7.76
CA HIS A 162 -7.36 16.57 8.61
C HIS A 162 -7.69 17.71 9.58
N GLN A 163 -6.67 18.46 10.00
CA GLN A 163 -6.90 19.60 10.88
C GLN A 163 -7.67 20.65 10.07
N VAL A 164 -7.52 20.62 8.74
CA VAL A 164 -8.20 21.53 7.85
C VAL A 164 -9.65 21.05 7.64
N LEU A 165 -9.82 19.73 7.51
CA LEU A 165 -11.14 19.12 7.31
C LEU A 165 -12.00 19.27 8.56
N ALA A 166 -11.39 19.12 9.72
CA ALA A 166 -12.09 19.21 10.99
C ALA A 166 -11.18 19.84 12.02
N PRO A 167 -11.22 21.18 12.14
CA PRO A 167 -10.36 21.85 13.12
C PRO A 167 -10.70 21.35 14.51
N GLY A 168 -9.65 20.98 15.24
CA GLY A 168 -9.84 20.47 16.59
C GLY A 168 -9.87 18.96 16.67
N CYS A 169 -9.70 18.27 15.54
CA CYS A 169 -9.71 16.80 15.55
C CYS A 169 -8.57 16.21 16.39
N LEU A 170 -7.49 16.96 16.55
CA LEU A 170 -6.36 16.48 17.34
C LEU A 170 -6.44 16.91 18.80
N ASP A 171 -7.52 17.61 19.17
CA ASP A 171 -7.69 18.08 20.54
C ASP A 171 -7.57 16.97 21.57
N ASN A 172 -8.27 15.86 21.33
CA ASN A 172 -8.27 14.70 22.22
C ASN A 172 -7.00 13.83 22.07
N PHE A 173 -6.03 14.31 21.29
CA PHE A 173 -4.80 13.56 21.06
C PHE A 173 -3.55 14.42 21.27
N PRO A 174 -3.16 14.61 22.53
CA PRO A 174 -1.99 15.41 22.90
C PRO A 174 -0.66 14.99 22.26
N LEU A 175 -0.44 13.68 22.11
CA LEU A 175 0.81 13.20 21.51
C LEU A 175 0.90 13.52 20.02
N LEU A 176 -0.21 13.40 19.30
CA LEU A 176 -0.25 13.72 17.87
C LEU A 176 -0.16 15.23 17.68
N SER A 177 -0.85 15.97 18.54
CA SER A 177 -0.83 17.43 18.49
C SER A 177 0.59 17.94 18.68
N ALA A 178 1.32 17.33 19.61
CA ALA A 178 2.71 17.73 19.89
C ALA A 178 3.61 17.38 18.71
N TYR A 179 3.41 16.17 18.20
CA TYR A 179 4.15 15.63 17.07
C TYR A 179 4.04 16.55 15.86
N VAL A 180 2.82 16.96 15.52
CA VAL A 180 2.62 17.85 14.38
C VAL A 180 3.37 19.16 14.59
N ALA A 181 3.24 19.75 15.76
CA ALA A 181 3.91 21.00 16.04
C ALA A 181 5.42 20.84 15.96
N ARG A 182 5.93 19.74 16.52
CA ARG A 182 7.34 19.45 16.56
C ARG A 182 7.95 19.31 15.16
N LEU A 183 7.37 18.44 14.34
CA LEU A 183 7.87 18.20 12.99
C LEU A 183 7.64 19.36 12.04
N SER A 184 6.59 20.13 12.27
CA SER A 184 6.28 21.29 11.43
C SER A 184 7.33 22.40 11.68
N ALA A 185 7.98 22.33 12.83
CA ALA A 185 8.99 23.30 13.22
C ALA A 185 10.39 22.99 12.66
N ARG A 186 10.57 21.81 12.11
CA ARG A 186 11.86 21.47 11.52
C ARG A 186 12.10 22.55 10.46
N PRO A 187 13.23 23.26 10.56
CA PRO A 187 13.67 24.34 9.68
C PRO A 187 13.32 24.21 8.20
N LYS A 188 13.77 23.13 7.58
CA LYS A 188 13.54 22.89 6.16
C LYS A 188 12.07 22.60 5.81
N ILE A 189 11.32 22.02 6.73
CA ILE A 189 9.90 21.75 6.49
C ILE A 189 9.12 23.04 6.68
N LYS A 190 9.53 23.83 7.67
CA LYS A 190 8.91 25.11 7.99
C LYS A 190 9.08 26.02 6.77
N ALA A 191 10.28 26.01 6.21
CA ALA A 191 10.60 26.79 5.04
C ALA A 191 9.71 26.37 3.89
N PHE A 192 9.60 25.06 3.67
CA PHE A 192 8.78 24.53 2.59
C PHE A 192 7.33 24.91 2.74
N LEU A 193 6.79 24.71 3.94
CA LEU A 193 5.40 25.01 4.20
C LEU A 193 5.08 26.50 4.04
N SER A 194 6.11 27.34 4.10
CA SER A 194 5.94 28.78 3.96
C SER A 194 6.24 29.22 2.53
N SER A 195 6.61 28.29 1.66
CA SER A 195 6.96 28.61 0.29
C SER A 195 5.72 28.89 -0.57
N PRO A 196 5.86 29.77 -1.56
CA PRO A 196 4.77 30.13 -2.47
C PRO A 196 4.23 28.93 -3.22
N GLU A 197 5.14 28.07 -3.69
CA GLU A 197 4.75 26.88 -4.43
C GLU A 197 3.79 26.02 -3.61
N HIS A 198 3.99 25.99 -2.29
CA HIS A 198 3.12 25.23 -1.41
C HIS A 198 1.88 26.03 -1.08
N VAL A 199 2.09 27.29 -0.71
CA VAL A 199 0.99 28.18 -0.32
C VAL A 199 -0.08 28.38 -1.39
N ASN A 200 0.31 28.48 -2.66
CA ASN A 200 -0.66 28.70 -3.73
C ASN A 200 -0.99 27.43 -4.50
N ARG A 201 -1.24 26.34 -3.78
CA ARG A 201 -1.56 25.07 -4.40
C ARG A 201 -2.73 24.49 -3.60
N PRO A 202 -3.88 24.23 -4.26
CA PRO A 202 -5.01 23.67 -3.50
C PRO A 202 -4.67 22.29 -2.93
N ILE A 203 -5.24 21.96 -1.78
CA ILE A 203 -5.00 20.65 -1.17
C ILE A 203 -5.51 19.58 -2.14
N ASN A 204 -6.73 19.77 -2.65
CA ASN A 204 -7.33 18.81 -3.57
C ASN A 204 -7.72 19.47 -4.89
N GLY A 205 -7.96 18.63 -5.90
CA GLY A 205 -8.30 19.13 -7.23
C GLY A 205 -9.70 19.65 -7.50
N ASN A 206 -10.58 19.59 -6.50
CA ASN A 206 -11.94 20.06 -6.72
C ASN A 206 -12.32 21.25 -5.86
N GLY A 207 -11.34 21.85 -5.20
CA GLY A 207 -11.63 23.01 -4.38
C GLY A 207 -12.22 22.69 -3.01
N LYS A 208 -12.63 21.45 -2.79
CA LYS A 208 -13.17 21.02 -1.50
C LYS A 208 -12.02 20.52 -0.61
N GLN A 209 -12.20 20.64 0.70
CA GLN A 209 -11.20 20.24 1.68
C GLN A 209 -11.77 20.40 3.09
N PRO B 1 10.14 -17.34 13.35
CA PRO B 1 9.16 -18.42 13.51
C PRO B 1 8.97 -18.58 15.00
N PRO B 2 7.89 -19.23 15.44
CA PRO B 2 6.82 -19.84 14.64
C PRO B 2 5.87 -18.82 14.00
N TYR B 3 5.17 -19.24 12.95
CA TYR B 3 4.25 -18.36 12.23
C TYR B 3 2.80 -18.69 12.58
N THR B 4 1.98 -17.66 12.64
CA THR B 4 0.55 -17.80 12.93
C THR B 4 -0.21 -16.73 12.20
N ILE B 5 -1.32 -17.14 11.58
CA ILE B 5 -2.18 -16.25 10.83
C ILE B 5 -3.52 -16.23 11.53
N VAL B 6 -3.97 -15.05 11.94
CA VAL B 6 -5.27 -14.93 12.59
C VAL B 6 -6.14 -14.22 11.58
N TYR B 7 -7.20 -14.88 11.11
CA TYR B 7 -8.07 -14.28 10.10
C TYR B 7 -9.43 -15.00 10.03
N PHE B 8 -10.34 -14.44 9.24
CA PHE B 8 -11.67 -14.99 9.04
C PHE B 8 -11.57 -16.24 8.18
N PRO B 9 -12.62 -17.07 8.16
CA PRO B 9 -12.68 -18.31 7.37
C PRO B 9 -12.87 -18.03 5.88
N VAL B 10 -11.99 -17.23 5.30
CA VAL B 10 -12.08 -16.88 3.89
C VAL B 10 -10.70 -16.82 3.26
N ARG B 11 -10.65 -16.86 1.94
CA ARG B 11 -9.39 -16.77 1.22
C ARG B 11 -8.97 -15.30 1.33
N GLY B 12 -9.86 -14.41 0.88
CA GLY B 12 -9.63 -12.97 0.94
C GLY B 12 -8.21 -12.47 0.84
N ARG B 13 -7.81 -11.66 1.83
CA ARG B 13 -6.47 -11.07 1.86
C ARG B 13 -5.35 -11.94 2.38
N CYS B 14 -5.60 -13.23 2.59
CA CYS B 14 -4.56 -14.11 3.11
C CYS B 14 -4.05 -15.21 2.20
N GLU B 15 -4.76 -15.53 1.12
CA GLU B 15 -4.28 -16.60 0.24
C GLU B 15 -2.90 -16.35 -0.32
N ALA B 16 -2.61 -15.10 -0.66
CA ALA B 16 -1.30 -14.79 -1.21
C ALA B 16 -0.19 -15.15 -0.22
N MET B 17 -0.34 -14.74 1.04
CA MET B 17 0.69 -15.05 2.04
C MET B 17 0.76 -16.55 2.33
N ARG B 18 -0.38 -17.23 2.26
CA ARG B 18 -0.43 -18.67 2.49
C ARG B 18 0.31 -19.42 1.37
N MET B 19 0.07 -19.03 0.12
CA MET B 19 0.76 -19.65 -1.03
C MET B 19 2.26 -19.38 -0.93
N LEU B 20 2.61 -18.18 -0.48
CA LEU B 20 4.03 -17.77 -0.31
C LEU B 20 4.72 -18.66 0.72
N LEU B 21 4.11 -18.82 1.90
CA LEU B 21 4.68 -19.67 2.94
C LEU B 21 4.77 -21.13 2.48
N ALA B 22 3.71 -21.63 1.84
CA ALA B 22 3.70 -23.00 1.32
C ALA B 22 4.84 -23.19 0.32
N ASP B 23 4.88 -22.33 -0.68
CA ASP B 23 5.89 -22.39 -1.71
C ASP B 23 7.31 -22.30 -1.16
N GLN B 24 7.49 -21.55 -0.08
CA GLN B 24 8.81 -21.42 0.55
C GLN B 24 9.08 -22.50 1.59
N GLY B 25 8.25 -23.55 1.58
CA GLY B 25 8.41 -24.67 2.49
C GLY B 25 8.37 -24.36 3.97
N GLN B 26 7.54 -23.41 4.36
CA GLN B 26 7.40 -23.04 5.76
C GLN B 26 6.07 -23.56 6.27
N SER B 27 5.98 -23.78 7.57
CA SER B 27 4.75 -24.26 8.20
C SER B 27 4.20 -23.11 9.02
N TRP B 28 2.91 -23.14 9.33
CA TRP B 28 2.31 -22.07 10.11
C TRP B 28 1.05 -22.54 10.81
N LYS B 29 0.61 -21.77 11.80
CA LYS B 29 -0.60 -22.06 12.58
C LYS B 29 -1.69 -21.13 12.04
N GLU B 30 -2.90 -21.65 11.93
CA GLU B 30 -4.01 -20.87 11.41
C GLU B 30 -5.08 -20.68 12.51
N GLU B 31 -5.30 -19.44 12.94
CA GLU B 31 -6.31 -19.15 13.97
C GLU B 31 -7.53 -18.50 13.31
N VAL B 32 -8.65 -19.22 13.30
CA VAL B 32 -9.87 -18.72 12.67
C VAL B 32 -10.78 -17.91 13.58
N VAL B 33 -11.26 -16.79 13.05
CA VAL B 33 -12.15 -15.87 13.77
C VAL B 33 -13.37 -15.60 12.90
N THR B 34 -14.51 -15.36 13.53
CA THR B 34 -15.75 -15.08 12.83
C THR B 34 -16.07 -13.58 12.77
N ILE B 35 -15.97 -12.92 13.92
CA ILE B 35 -16.24 -11.49 14.06
C ILE B 35 -15.94 -11.11 15.50
N GLN B 51 -6.80 -4.29 12.24
CA GLN B 51 -7.95 -5.23 12.20
C GLN B 51 -7.35 -6.61 11.90
N LEU B 52 -7.82 -7.28 10.86
CA LEU B 52 -7.30 -8.59 10.49
C LEU B 52 -6.85 -8.48 9.05
N PRO B 53 -5.91 -9.34 8.62
CA PRO B 53 -5.28 -10.39 9.44
C PRO B 53 -4.17 -9.91 10.37
N LYS B 54 -3.97 -10.68 11.44
CA LYS B 54 -2.92 -10.43 12.41
C LYS B 54 -1.93 -11.54 12.09
N PHE B 55 -0.65 -11.23 12.16
CA PHE B 55 0.37 -12.22 11.83
C PHE B 55 1.43 -12.19 12.90
N GLU B 56 1.89 -13.36 13.31
CA GLU B 56 2.93 -13.46 14.32
C GLU B 56 4.10 -14.20 13.73
N ASP B 57 5.29 -13.66 13.96
CA ASP B 57 6.52 -14.29 13.50
C ASP B 57 7.36 -14.22 14.74
N GLY B 58 7.30 -15.27 15.55
CA GLY B 58 8.05 -15.30 16.79
C GLY B 58 7.53 -14.17 17.66
N ASP B 59 8.43 -13.25 18.05
CA ASP B 59 8.07 -12.10 18.89
C ASP B 59 7.44 -10.94 18.12
N LEU B 60 7.42 -11.01 16.80
CA LEU B 60 6.86 -9.93 16.00
C LEU B 60 5.39 -10.11 15.64
N THR B 61 4.57 -9.11 16.00
CA THR B 61 3.14 -9.13 15.67
C THR B 61 2.88 -8.07 14.61
N LEU B 62 2.17 -8.43 13.55
CA LEU B 62 1.88 -7.50 12.48
C LEU B 62 0.43 -7.50 12.06
N TYR B 63 0.03 -6.41 11.42
CA TYR B 63 -1.32 -6.23 10.88
C TYR B 63 -1.04 -5.66 9.49
N GLN B 64 -2.06 -5.59 8.64
CA GLN B 64 -1.95 -5.08 7.27
C GLN B 64 -1.33 -6.17 6.40
N SER B 65 -2.15 -6.79 5.57
CA SER B 65 -1.70 -7.86 4.69
C SER B 65 -0.45 -7.52 3.85
N ASN B 66 -0.32 -6.28 3.40
CA ASN B 66 0.86 -5.90 2.60
C ASN B 66 2.10 -5.66 3.44
N ALA B 67 1.91 -5.18 4.67
CA ALA B 67 3.03 -4.99 5.59
C ALA B 67 3.59 -6.39 5.84
N ILE B 68 2.68 -7.36 6.01
CA ILE B 68 3.05 -8.76 6.24
C ILE B 68 3.77 -9.36 5.03
N LEU B 69 3.23 -9.14 3.82
CA LEU B 69 3.86 -9.64 2.60
C LEU B 69 5.30 -9.10 2.44
N ARG B 70 5.48 -7.80 2.67
CA ARG B 70 6.82 -7.19 2.57
C ARG B 70 7.77 -7.73 3.65
N HIS B 71 7.25 -7.96 4.84
CA HIS B 71 8.08 -8.51 5.91
C HIS B 71 8.57 -9.91 5.51
N LEU B 72 7.68 -10.73 4.92
CA LEU B 72 8.05 -12.07 4.47
C LEU B 72 9.00 -11.94 3.27
N GLY B 73 8.82 -10.88 2.49
CA GLY B 73 9.70 -10.65 1.36
C GLY B 73 11.11 -10.36 1.83
N ARG B 74 11.25 -9.53 2.87
CA ARG B 74 12.55 -9.18 3.40
C ARG B 74 13.28 -10.31 4.10
N SER B 75 12.58 -11.03 4.97
CA SER B 75 13.19 -12.09 5.73
C SER B 75 13.43 -13.38 4.98
N LEU B 76 12.63 -13.65 3.96
CA LEU B 76 12.77 -14.88 3.19
C LEU B 76 13.53 -14.72 1.88
N GLY B 77 13.99 -13.51 1.61
CA GLY B 77 14.73 -13.23 0.38
C GLY B 77 13.92 -13.20 -0.90
N LEU B 78 12.76 -12.57 -0.84
CA LEU B 78 11.86 -12.48 -1.99
C LEU B 78 11.57 -11.01 -2.29
N TYR B 79 12.60 -10.17 -2.21
CA TYR B 79 12.43 -8.73 -2.44
C TYR B 79 13.45 -8.18 -3.45
N GLY B 80 13.84 -9.01 -4.42
CA GLY B 80 14.78 -8.56 -5.42
C GLY B 80 16.24 -8.54 -5.01
N LYS B 81 17.10 -8.09 -5.91
CA LYS B 81 18.53 -8.04 -5.64
C LYS B 81 19.13 -6.64 -5.56
N ASN B 82 18.33 -5.62 -5.83
CA ASN B 82 18.81 -4.24 -5.78
C ASN B 82 17.69 -3.21 -5.62
N GLN B 83 18.07 -1.94 -5.58
CA GLN B 83 17.12 -0.83 -5.40
C GLN B 83 16.07 -0.78 -6.47
N ARG B 84 16.49 -0.90 -7.72
CA ARG B 84 15.58 -0.83 -8.85
C ARG B 84 14.50 -1.92 -8.81
N GLU B 85 14.92 -3.15 -8.52
CA GLU B 85 13.97 -4.27 -8.45
C GLU B 85 13.03 -4.11 -7.27
N ALA B 86 13.58 -3.67 -6.14
CA ALA B 86 12.77 -3.44 -4.96
C ALA B 86 11.70 -2.39 -5.29
N ALA B 87 12.11 -1.33 -5.99
CA ALA B 87 11.22 -0.24 -6.36
C ALA B 87 10.15 -0.71 -7.32
N GLN B 88 10.54 -1.50 -8.32
CA GLN B 88 9.58 -2.00 -9.29
C GLN B 88 8.58 -2.97 -8.64
N MET B 89 9.07 -3.80 -7.73
CA MET B 89 8.20 -4.74 -7.02
C MET B 89 7.17 -3.99 -6.23
N ASP B 90 7.57 -2.89 -5.57
CA ASP B 90 6.63 -2.08 -4.80
C ASP B 90 5.57 -1.51 -5.74
N MET B 91 6.00 -1.09 -6.92
CA MET B 91 5.10 -0.51 -7.91
C MET B 91 4.04 -1.53 -8.30
N VAL B 92 4.47 -2.74 -8.67
CA VAL B 92 3.57 -3.82 -9.04
C VAL B 92 2.57 -4.13 -7.92
N ASN B 93 3.06 -4.33 -6.70
CA ASN B 93 2.19 -4.65 -5.58
C ASN B 93 1.16 -3.56 -5.33
N ASP B 94 1.59 -2.30 -5.40
CA ASP B 94 0.68 -1.18 -5.20
C ASP B 94 -0.42 -1.24 -6.25
N GLY B 95 -0.05 -1.54 -7.48
CA GLY B 95 -1.04 -1.64 -8.55
C GLY B 95 -1.99 -2.77 -8.25
N VAL B 96 -1.44 -3.92 -7.85
CA VAL B 96 -2.24 -5.09 -7.53
C VAL B 96 -3.25 -4.75 -6.43
N GLU B 97 -2.79 -4.03 -5.42
CA GLU B 97 -3.64 -3.64 -4.31
C GLU B 97 -4.75 -2.66 -4.74
N ASP B 98 -4.48 -1.81 -5.71
CA ASP B 98 -5.48 -0.85 -6.19
C ASP B 98 -6.65 -1.58 -6.83
N LEU B 99 -6.34 -2.57 -7.65
CA LEU B 99 -7.38 -3.35 -8.29
C LEU B 99 -8.11 -4.21 -7.25
N ARG B 100 -7.38 -4.71 -6.25
CA ARG B 100 -7.98 -5.54 -5.20
C ARG B 100 -8.98 -4.74 -4.41
N GLY B 101 -8.66 -3.47 -4.16
CA GLY B 101 -9.56 -2.61 -3.43
C GLY B 101 -10.84 -2.38 -4.20
N LYS B 102 -10.73 -2.21 -5.52
CA LYS B 102 -11.91 -2.02 -6.36
C LYS B 102 -12.77 -3.27 -6.30
N TYR B 103 -12.11 -4.41 -6.48
CA TYR B 103 -12.76 -5.72 -6.46
C TYR B 103 -13.56 -5.91 -5.19
N VAL B 104 -12.94 -5.65 -4.04
CA VAL B 104 -13.60 -5.83 -2.76
C VAL B 104 -14.87 -4.99 -2.69
N THR B 105 -14.76 -3.73 -3.13
CA THR B 105 -15.89 -2.80 -3.13
C THR B 105 -17.04 -3.36 -3.96
N LEU B 106 -16.72 -3.93 -5.12
CA LEU B 106 -17.74 -4.52 -5.98
C LEU B 106 -18.43 -5.63 -5.20
N ILE B 107 -17.64 -6.66 -4.89
CA ILE B 107 -18.10 -7.84 -4.16
C ILE B 107 -19.00 -7.54 -2.96
N TYR B 108 -18.51 -6.68 -2.06
CA TYR B 108 -19.25 -6.35 -0.85
C TYR B 108 -20.27 -5.22 -0.87
N THR B 109 -20.24 -4.33 -1.86
CA THR B 109 -21.22 -3.24 -1.85
C THR B 109 -22.03 -2.95 -3.10
N ASN B 110 -21.66 -3.48 -4.25
CA ASN B 110 -22.42 -3.19 -5.46
C ASN B 110 -22.23 -4.31 -6.45
N TYR B 111 -22.38 -5.54 -5.98
CA TYR B 111 -22.16 -6.70 -6.82
C TYR B 111 -23.14 -6.85 -7.99
N GLU B 112 -24.43 -6.79 -7.69
CA GLU B 112 -25.50 -6.94 -8.68
C GLU B 112 -25.44 -5.91 -9.80
N ASN B 113 -25.49 -4.64 -9.43
CA ASN B 113 -25.45 -3.53 -10.38
C ASN B 113 -24.06 -3.29 -10.99
N GLY B 114 -23.08 -3.09 -10.12
CA GLY B 114 -21.72 -2.82 -10.58
C GLY B 114 -20.94 -3.90 -11.33
N LYS B 115 -21.33 -5.16 -11.21
CA LYS B 115 -20.58 -6.21 -11.88
C LYS B 115 -20.32 -5.94 -13.34
N ASN B 116 -21.37 -5.63 -14.10
CA ASN B 116 -21.24 -5.35 -15.53
C ASN B 116 -20.15 -4.33 -15.84
N ASP B 117 -20.23 -3.16 -15.20
CA ASP B 117 -19.26 -2.09 -15.41
C ASP B 117 -17.83 -2.52 -15.07
N TYR B 118 -17.68 -3.26 -13.98
CA TYR B 118 -16.37 -3.72 -13.55
C TYR B 118 -15.71 -4.60 -14.61
N VAL B 119 -16.44 -5.61 -15.06
CA VAL B 119 -15.92 -6.55 -16.06
C VAL B 119 -15.47 -5.93 -17.38
N LYS B 120 -16.18 -4.91 -17.86
CA LYS B 120 -15.79 -4.25 -19.11
C LYS B 120 -14.53 -3.41 -18.89
N ALA B 121 -14.42 -2.82 -17.70
CA ALA B 121 -13.28 -1.99 -17.35
C ALA B 121 -12.06 -2.84 -17.00
N LEU B 122 -12.30 -4.07 -16.59
CA LEU B 122 -11.23 -4.98 -16.19
C LEU B 122 -10.04 -5.07 -17.13
N PRO B 123 -10.27 -5.36 -18.43
CA PRO B 123 -9.14 -5.45 -19.36
C PRO B 123 -8.18 -4.25 -19.34
N GLY B 124 -8.71 -3.08 -19.00
CA GLY B 124 -7.88 -1.90 -18.94
C GLY B 124 -6.88 -1.92 -17.79
N HIS B 125 -7.17 -2.72 -16.77
CA HIS B 125 -6.31 -2.83 -15.60
C HIS B 125 -5.27 -3.92 -15.74
N LEU B 126 -5.60 -4.95 -16.52
CA LEU B 126 -4.67 -6.05 -16.71
C LEU B 126 -3.55 -5.74 -17.69
N LYS B 127 -3.87 -4.96 -18.73
CA LYS B 127 -2.90 -4.58 -19.76
C LYS B 127 -1.52 -4.20 -19.22
N PRO B 128 -1.45 -3.33 -18.20
CA PRO B 128 -0.18 -2.91 -17.61
C PRO B 128 0.70 -4.09 -17.15
N PHE B 129 0.07 -5.12 -16.59
CA PHE B 129 0.81 -6.28 -16.12
C PHE B 129 1.33 -7.09 -17.30
N GLU B 130 0.52 -7.15 -18.36
CA GLU B 130 0.91 -7.87 -19.58
C GLU B 130 2.15 -7.17 -20.14
N THR B 131 2.10 -5.84 -20.16
CA THR B 131 3.20 -5.03 -20.65
C THR B 131 4.47 -5.33 -19.86
N LEU B 132 4.38 -5.27 -18.53
CA LEU B 132 5.54 -5.55 -17.70
C LEU B 132 6.13 -6.91 -17.99
N LEU B 133 5.29 -7.92 -18.14
CA LEU B 133 5.78 -9.27 -18.41
C LEU B 133 6.56 -9.31 -19.72
N SER B 134 6.00 -8.75 -20.78
CA SER B 134 6.69 -8.73 -22.07
C SER B 134 8.06 -8.04 -21.97
N GLN B 135 8.14 -6.99 -21.15
CA GLN B 135 9.39 -6.27 -20.97
C GLN B 135 10.43 -7.07 -20.16
N ASN B 136 10.02 -8.15 -19.51
CA ASN B 136 10.95 -8.95 -18.72
C ASN B 136 11.15 -10.34 -19.30
N GLN B 137 12.23 -10.52 -20.05
CA GLN B 137 12.56 -11.80 -20.65
C GLN B 137 11.41 -12.41 -21.44
N GLY B 138 10.68 -11.54 -22.13
CA GLY B 138 9.57 -12.00 -22.93
C GLY B 138 8.47 -12.67 -22.10
N GLY B 139 8.33 -12.22 -20.85
CA GLY B 139 7.32 -12.77 -19.97
C GLY B 139 7.48 -14.24 -19.67
N LYS B 140 8.73 -14.72 -19.77
CA LYS B 140 9.04 -16.13 -19.51
C LYS B 140 9.53 -16.38 -18.09
N ALA B 141 9.74 -15.31 -17.33
CA ALA B 141 10.25 -15.46 -15.97
C ALA B 141 9.21 -15.02 -14.93
N PHE B 142 9.55 -14.01 -14.13
CA PHE B 142 8.63 -13.55 -13.12
C PHE B 142 8.19 -12.13 -13.41
N ILE B 143 7.31 -11.57 -12.59
CA ILE B 143 6.81 -10.21 -12.84
C ILE B 143 7.95 -9.18 -12.84
N VAL B 144 8.89 -9.31 -11.91
CA VAL B 144 10.05 -8.42 -11.84
C VAL B 144 11.26 -9.30 -11.56
N GLY B 145 12.25 -9.27 -12.46
CA GLY B 145 13.45 -10.04 -12.24
C GLY B 145 13.44 -11.50 -12.70
N ASP B 146 14.49 -12.20 -12.30
CA ASP B 146 14.67 -13.62 -12.64
C ASP B 146 14.25 -14.57 -11.52
N GLN B 147 13.85 -14.02 -10.37
CA GLN B 147 13.42 -14.84 -9.24
C GLN B 147 12.04 -14.42 -8.76
N ILE B 148 11.31 -15.36 -8.13
CA ILE B 148 9.97 -15.07 -7.62
C ILE B 148 10.11 -14.11 -6.45
N SER B 149 9.08 -13.30 -6.21
CA SER B 149 9.11 -12.34 -5.13
C SER B 149 7.73 -12.32 -4.49
N PHE B 150 7.60 -11.59 -3.38
CA PHE B 150 6.33 -11.45 -2.68
C PHE B 150 5.25 -10.91 -3.63
N ALA B 151 5.67 -10.10 -4.60
CA ALA B 151 4.75 -9.50 -5.58
C ALA B 151 4.09 -10.54 -6.47
N ASP B 152 4.86 -11.55 -6.87
CA ASP B 152 4.35 -12.62 -7.73
C ASP B 152 3.17 -13.35 -7.08
N TYR B 153 3.28 -13.64 -5.79
CA TYR B 153 2.23 -14.36 -5.08
C TYR B 153 0.97 -13.52 -5.00
N ASN B 154 1.12 -12.22 -4.78
CA ASN B 154 -0.03 -11.32 -4.69
C ASN B 154 -0.74 -11.19 -6.04
N LEU B 155 0.02 -10.97 -7.11
CA LEU B 155 -0.53 -10.83 -8.45
C LEU B 155 -1.25 -12.12 -8.86
N LEU B 156 -0.58 -13.26 -8.65
CA LEU B 156 -1.13 -14.58 -8.98
C LEU B 156 -2.52 -14.76 -8.36
N ASP B 157 -2.63 -14.45 -7.07
CA ASP B 157 -3.90 -14.55 -6.37
C ASP B 157 -4.94 -13.64 -7.02
N LEU B 158 -4.54 -12.41 -7.34
CA LEU B 158 -5.44 -11.45 -7.96
C LEU B 158 -6.00 -11.98 -9.28
N LEU B 159 -5.14 -12.62 -10.07
CA LEU B 159 -5.54 -13.17 -11.37
C LEU B 159 -6.48 -14.37 -11.24
N LEU B 160 -6.18 -15.26 -10.29
CA LEU B 160 -6.99 -16.45 -10.04
C LEU B 160 -8.44 -16.11 -9.69
N ILE B 161 -8.63 -15.15 -8.78
CA ILE B 161 -9.98 -14.77 -8.39
C ILE B 161 -10.71 -14.02 -9.50
N HIS B 162 -9.96 -13.36 -10.40
CA HIS B 162 -10.59 -12.63 -11.49
C HIS B 162 -11.10 -13.58 -12.56
N GLN B 163 -10.38 -14.69 -12.75
CA GLN B 163 -10.80 -15.70 -13.71
C GLN B 163 -12.12 -16.29 -13.22
N VAL B 164 -12.32 -16.27 -11.91
CA VAL B 164 -13.55 -16.77 -11.30
C VAL B 164 -14.66 -15.74 -11.48
N LEU B 165 -14.31 -14.45 -11.34
CA LEU B 165 -15.26 -13.36 -11.47
C LEU B 165 -15.73 -13.20 -12.92
N ALA B 166 -14.82 -13.41 -13.86
CA ALA B 166 -15.12 -13.27 -15.28
C ALA B 166 -14.25 -14.21 -16.06
N PRO B 167 -14.74 -15.45 -16.30
CA PRO B 167 -13.97 -16.46 -17.04
C PRO B 167 -13.56 -15.98 -18.41
N GLY B 168 -12.30 -16.23 -18.75
CA GLY B 168 -11.79 -15.82 -20.04
C GLY B 168 -11.25 -14.39 -20.07
N CYS B 169 -11.25 -13.72 -18.92
CA CYS B 169 -10.74 -12.35 -18.85
C CYS B 169 -9.27 -12.27 -19.27
N LEU B 170 -8.57 -13.41 -19.21
CA LEU B 170 -7.17 -13.45 -19.59
C LEU B 170 -6.95 -14.00 -21.00
N ASP B 171 -8.03 -14.16 -21.76
CA ASP B 171 -7.92 -14.68 -23.11
C ASP B 171 -7.07 -13.78 -23.99
N ASN B 172 -7.33 -12.47 -23.92
CA ASN B 172 -6.60 -11.48 -24.70
C ASN B 172 -5.22 -11.15 -24.10
N PHE B 173 -4.80 -11.96 -23.13
CA PHE B 173 -3.52 -11.75 -22.46
C PHE B 173 -2.75 -13.06 -22.37
N PRO B 174 -2.00 -13.40 -23.43
CA PRO B 174 -1.22 -14.64 -23.51
C PRO B 174 -0.07 -14.77 -22.51
N LEU B 175 0.49 -13.64 -22.08
CA LEU B 175 1.59 -13.67 -21.12
C LEU B 175 1.07 -13.88 -19.70
N LEU B 176 0.01 -13.18 -19.34
CA LEU B 176 -0.59 -13.34 -18.02
C LEU B 176 -1.14 -14.76 -17.94
N SER B 177 -1.80 -15.18 -19.00
CA SER B 177 -2.36 -16.52 -19.09
C SER B 177 -1.29 -17.60 -18.87
N ALA B 178 -0.16 -17.46 -19.54
CA ALA B 178 0.94 -18.41 -19.40
C ALA B 178 1.55 -18.36 -18.00
N TYR B 179 1.76 -17.14 -17.51
CA TYR B 179 2.32 -16.89 -16.19
C TYR B 179 1.51 -17.61 -15.11
N VAL B 180 0.18 -17.50 -15.18
CA VAL B 180 -0.69 -18.17 -14.20
C VAL B 180 -0.54 -19.69 -14.25
N ALA B 181 -0.56 -20.28 -15.43
CA ALA B 181 -0.41 -21.73 -15.55
C ALA B 181 0.95 -22.17 -15.03
N ARG B 182 1.96 -21.39 -15.37
CA ARG B 182 3.35 -21.67 -14.97
C ARG B 182 3.53 -21.67 -13.46
N LEU B 183 3.09 -20.60 -12.79
CA LEU B 183 3.24 -20.51 -11.34
C LEU B 183 2.37 -21.53 -10.59
N SER B 184 1.14 -21.72 -11.07
CA SER B 184 0.22 -22.68 -10.44
C SER B 184 0.75 -24.11 -10.49
N ALA B 185 1.59 -24.38 -11.49
CA ALA B 185 2.17 -25.70 -11.67
C ALA B 185 3.33 -25.96 -10.71
N ARG B 186 3.87 -24.91 -10.10
CA ARG B 186 4.96 -25.09 -9.14
C ARG B 186 4.42 -26.08 -8.12
N PRO B 187 5.11 -27.22 -7.95
CA PRO B 187 4.74 -28.30 -7.03
C PRO B 187 4.14 -27.94 -5.67
N LYS B 188 4.83 -27.13 -4.87
CA LYS B 188 4.34 -26.77 -3.55
C LYS B 188 3.09 -25.90 -3.60
N ILE B 189 2.96 -25.08 -4.64
CA ILE B 189 1.80 -24.22 -4.79
C ILE B 189 0.64 -25.09 -5.27
N LYS B 190 0.95 -26.05 -6.15
CA LYS B 190 -0.05 -26.96 -6.69
C LYS B 190 -0.66 -27.76 -5.55
N ALA B 191 0.18 -28.19 -4.62
CA ALA B 191 -0.29 -28.94 -3.47
C ALA B 191 -1.19 -28.07 -2.59
N PHE B 192 -0.82 -26.80 -2.42
CA PHE B 192 -1.62 -25.90 -1.59
C PHE B 192 -2.98 -25.68 -2.19
N LEU B 193 -3.03 -25.38 -3.49
CA LEU B 193 -4.28 -25.13 -4.18
C LEU B 193 -5.19 -26.35 -4.18
N SER B 194 -4.60 -27.53 -3.98
CA SER B 194 -5.39 -28.76 -3.94
C SER B 194 -5.73 -29.17 -2.51
N SER B 195 -5.22 -28.42 -1.53
CA SER B 195 -5.45 -28.73 -0.12
C SER B 195 -6.87 -28.44 0.36
N PRO B 196 -7.39 -29.28 1.26
CA PRO B 196 -8.74 -29.15 1.84
C PRO B 196 -8.93 -27.79 2.45
N GLU B 197 -7.91 -27.33 3.16
CA GLU B 197 -7.93 -26.03 3.81
C GLU B 197 -8.27 -24.95 2.79
N HIS B 198 -7.59 -25.00 1.64
CA HIS B 198 -7.83 -24.04 0.57
C HIS B 198 -9.18 -24.27 -0.12
N VAL B 199 -9.40 -25.49 -0.57
CA VAL B 199 -10.62 -25.85 -1.30
C VAL B 199 -11.95 -25.59 -0.61
N ASN B 200 -12.04 -25.87 0.67
CA ASN B 200 -13.30 -25.66 1.38
C ASN B 200 -13.51 -24.26 1.94
N ARG B 201 -12.58 -23.35 1.64
CA ARG B 201 -12.63 -21.99 2.13
C ARG B 201 -13.18 -21.06 1.03
N PRO B 202 -14.25 -20.30 1.31
CA PRO B 202 -14.78 -19.41 0.26
C PRO B 202 -13.81 -18.29 -0.11
N ILE B 203 -13.88 -17.80 -1.34
CA ILE B 203 -13.01 -16.72 -1.79
C ILE B 203 -13.33 -15.48 -0.95
N ASN B 204 -14.62 -15.17 -0.81
CA ASN B 204 -15.07 -13.99 -0.06
C ASN B 204 -16.04 -14.30 1.08
N GLY B 205 -16.08 -13.41 2.07
CA GLY B 205 -16.95 -13.61 3.22
C GLY B 205 -18.45 -13.52 3.03
N ASN B 206 -18.92 -13.05 1.89
CA ASN B 206 -20.35 -12.93 1.68
C ASN B 206 -20.96 -13.91 0.67
N GLY B 207 -20.15 -14.86 0.22
CA GLY B 207 -20.65 -15.85 -0.73
C GLY B 207 -20.61 -15.40 -2.17
N LYS B 208 -20.30 -14.13 -2.42
CA LYS B 208 -20.23 -13.61 -3.78
C LYS B 208 -18.80 -13.69 -4.31
N GLN B 209 -18.65 -13.86 -5.62
CA GLN B 209 -17.36 -13.99 -6.27
C GLN B 209 -17.55 -14.02 -7.78
#